data_9HS0
#
_entry.id   9HS0
#
_cell.length_a   105.808
_cell.length_b   105.808
_cell.length_c   105.808
_cell.angle_alpha   90.00
_cell.angle_beta   90.00
_cell.angle_gamma   90.00
#
_symmetry.space_group_name_H-M   'P 21 3'
#
loop_
_entity.id
_entity.type
_entity.pdbx_description
1 polymer 'Copper-containing nitrite reductase'
2 non-polymer 'COPPER (II) ION'
3 water water
#
_entity_poly.entity_id   1
_entity_poly.type   'polypeptide(L)'
_entity_poly.pdbx_seq_one_letter_code
;MLPMFTRRAALISAAATALMLATPALAADDLKLPRQKVELVAPPFVHAHEQATKQGPKIVEFKLTIEEKKVVIDEKGTTF
QAMTFNGSMPGPLMVVHEGDYVETTLVNPATNTMPHNIDFHSATGALGGGALTLINPGEQVVLRWKATKTGVFVYHCAPG
GPMIPWHVVSGMNGAVMVLPRDGLNDGKGHALKYDKVYYVGEQDMYVPRDEKGNFKSYDSPGEAFTDTEEMMKKLIPSHV
VFNGKVGALTGKNALTANVGENVLIVHSQANRDSRPHLIGGHGDYVWETGKFGNAPEVGLETWFIRGGSAGAAMYKFMQP
GIYAYVTHNLIEAADLGATAHFKVEGKWNDDLMTQVKAPAEIPANTN
;
_entity_poly.pdbx_strand_id   A
#
# COMPACT_ATOMS: atom_id res chain seq x y z
N ASP A 29 -12.53 31.71 1.67
CA ASP A 29 -12.45 30.43 2.44
C ASP A 29 -12.47 30.73 3.94
N ASP A 30 -13.50 30.19 4.63
CA ASP A 30 -13.72 30.42 6.05
C ASP A 30 -12.60 29.88 6.94
N LEU A 31 -11.81 28.89 6.48
CA LEU A 31 -10.90 28.18 7.37
C LEU A 31 -9.54 28.87 7.46
N LYS A 32 -9.28 29.45 8.65
CA LYS A 32 -8.11 30.30 8.89
C LYS A 32 -7.10 29.51 9.71
N LEU A 33 -6.49 28.56 9.03
CA LEU A 33 -5.34 27.84 9.58
C LEU A 33 -4.13 28.03 8.67
N PRO A 34 -2.90 27.83 9.20
CA PRO A 34 -1.73 27.82 8.33
C PRO A 34 -1.76 26.67 7.33
N ARG A 35 -1.15 26.91 6.17
CA ARG A 35 -1.07 25.96 5.06
C ARG A 35 0.35 25.52 4.84
N GLN A 36 0.52 24.23 4.50
CA GLN A 36 1.80 23.68 4.19
C GLN A 36 1.71 22.66 3.06
N LYS A 37 2.52 22.84 2.01
CA LYS A 37 2.60 21.94 0.88
C LYS A 37 3.61 20.81 1.14
N VAL A 38 3.23 19.54 0.97
CA VAL A 38 4.11 18.39 1.13
C VAL A 38 4.26 17.70 -0.21
N GLU A 39 5.51 17.41 -0.60
CA GLU A 39 5.82 16.67 -1.82
C GLU A 39 5.78 15.16 -1.53
N LEU A 40 5.02 14.42 -2.35
CA LEU A 40 4.91 12.96 -2.21
C LEU A 40 6.15 12.27 -2.78
N VAL A 41 6.41 11.04 -2.32
CA VAL A 41 7.48 10.19 -2.85
C VAL A 41 6.89 8.84 -3.28
N ALA A 42 7.54 8.18 -4.24
CA ALA A 42 7.06 6.92 -4.79
C ALA A 42 7.19 5.77 -3.80
N PRO A 43 6.16 4.91 -3.65
N PRO A 43 6.20 4.86 -3.75
CA PRO A 43 6.29 3.68 -2.85
CA PRO A 43 6.31 3.70 -2.85
C PRO A 43 7.44 2.79 -3.32
C PRO A 43 7.44 2.79 -3.31
N PRO A 44 8.05 2.00 -2.41
CA PRO A 44 7.58 1.73 -1.02
C PRO A 44 8.06 2.75 0.03
N PHE A 45 8.79 3.78 -0.44
CA PHE A 45 9.27 4.84 0.46
C PHE A 45 8.10 5.75 0.83
N VAL A 46 8.31 6.59 1.87
CA VAL A 46 7.30 7.45 2.46
C VAL A 46 7.90 8.84 2.69
N HIS A 47 7.17 9.91 2.34
CA HIS A 47 7.70 11.29 2.53
C HIS A 47 8.08 11.49 3.99
N ALA A 48 9.08 12.35 4.20
CA ALA A 48 9.54 12.70 5.55
C ALA A 48 8.40 13.36 6.36
N HIS A 49 8.37 13.05 7.66
CA HIS A 49 7.27 13.46 8.56
C HIS A 49 7.72 13.27 10.01
N GLU A 50 6.95 13.88 10.94
CA GLU A 50 7.10 13.65 12.37
C GLU A 50 6.13 12.56 12.85
N GLN A 51 6.58 11.81 13.90
CA GLN A 51 5.69 10.93 14.65
C GLN A 51 4.98 11.78 15.73
N ALA A 52 5.49 11.82 16.97
CA ALA A 52 5.03 12.83 17.91
C ALA A 52 5.40 14.22 17.37
N THR A 53 4.53 15.21 17.57
CA THR A 53 4.75 16.59 17.09
C THR A 53 4.25 17.60 18.12
N LYS A 54 4.96 18.77 18.14
CA LYS A 54 4.50 19.90 18.93
CA LYS A 54 4.58 19.96 18.89
C LYS A 54 3.74 20.91 18.05
N GLN A 55 3.55 20.64 16.77
CA GLN A 55 2.72 21.50 15.96
CA GLN A 55 2.72 21.42 15.87
C GLN A 55 1.23 21.30 16.25
N GLY A 56 0.47 22.38 16.04
CA GLY A 56 -0.98 22.30 16.07
C GLY A 56 -1.57 22.02 14.69
N PRO A 57 -2.92 21.89 14.59
CA PRO A 57 -3.58 21.64 13.32
C PRO A 57 -3.16 22.58 12.19
N LYS A 58 -3.05 22.05 10.99
N LYS A 58 -2.99 22.02 10.99
CA LYS A 58 -2.81 22.85 9.81
CA LYS A 58 -2.63 22.71 9.76
C LYS A 58 -3.53 22.23 8.63
C LYS A 58 -3.56 22.24 8.64
N ILE A 59 -3.59 23.01 7.53
CA ILE A 59 -4.08 22.52 6.25
C ILE A 59 -2.87 21.99 5.46
N VAL A 60 -2.83 20.66 5.25
CA VAL A 60 -1.72 20.00 4.54
C VAL A 60 -2.16 19.81 3.08
N GLU A 61 -1.38 20.37 2.14
CA GLU A 61 -1.71 20.39 0.72
CA GLU A 61 -1.70 20.40 0.72
C GLU A 61 -0.91 19.32 -0.04
N PHE A 62 -1.65 18.51 -0.83
CA PHE A 62 -1.08 17.47 -1.69
C PHE A 62 -1.64 17.64 -3.12
N LYS A 63 -0.88 17.10 -4.11
CA LYS A 63 -1.32 17.02 -5.50
C LYS A 63 -1.18 15.57 -5.98
N LEU A 64 -2.24 15.06 -6.67
CA LEU A 64 -2.18 13.76 -7.34
C LEU A 64 -2.54 13.99 -8.81
N THR A 65 -1.69 13.46 -9.73
CA THR A 65 -1.91 13.57 -11.18
C THR A 65 -2.15 12.18 -11.73
N ILE A 66 -3.34 11.94 -12.32
CA ILE A 66 -3.72 10.59 -12.80
C ILE A 66 -2.94 10.28 -14.07
N GLU A 67 -2.46 9.03 -14.22
CA GLU A 67 -1.80 8.56 -15.43
C GLU A 67 -2.30 7.16 -15.81
N GLU A 68 -2.96 7.06 -16.98
CA GLU A 68 -3.28 5.78 -17.63
C GLU A 68 -2.03 5.38 -18.42
N LYS A 69 -1.56 4.14 -18.31
CA LYS A 69 -0.37 3.70 -19.04
C LYS A 69 -0.29 2.18 -19.14
N LYS A 70 0.31 1.68 -20.22
CA LYS A 70 0.56 0.26 -20.46
C LYS A 70 1.90 -0.11 -19.81
N VAL A 71 1.91 -1.15 -18.98
CA VAL A 71 3.09 -1.56 -18.23
C VAL A 71 3.32 -3.08 -18.37
N VAL A 72 4.56 -3.50 -18.09
CA VAL A 72 4.93 -4.93 -17.99
C VAL A 72 4.82 -5.36 -16.53
N ILE A 73 4.13 -6.48 -16.26
CA ILE A 73 3.81 -6.87 -14.88
C ILE A 73 4.52 -8.15 -14.42
N ASP A 74 5.19 -8.93 -15.30
CA ASP A 74 5.83 -10.17 -14.88
C ASP A 74 7.12 -10.40 -15.69
N GLU A 75 7.86 -11.48 -15.34
CA GLU A 75 9.16 -11.61 -16.00
CA GLU A 75 9.13 -11.86 -15.91
C GLU A 75 9.02 -12.32 -17.35
N LYS A 76 7.81 -12.71 -17.74
CA LYS A 76 7.54 -13.28 -19.07
C LYS A 76 7.22 -12.23 -20.11
N GLY A 77 6.97 -10.99 -19.69
CA GLY A 77 6.63 -9.90 -20.62
C GLY A 77 5.14 -9.59 -20.74
N THR A 78 4.29 -10.18 -19.88
CA THR A 78 2.85 -9.88 -19.93
C THR A 78 2.64 -8.37 -19.73
N THR A 79 1.80 -7.75 -20.59
CA THR A 79 1.46 -6.34 -20.46
C THR A 79 0.05 -6.18 -19.86
N PHE A 80 -0.19 -4.96 -19.39
CA PHE A 80 -1.34 -4.63 -18.54
C PHE A 80 -1.71 -3.17 -18.75
N GLN A 81 -3.03 -2.92 -18.97
CA GLN A 81 -3.57 -1.57 -19.07
C GLN A 81 -3.83 -0.97 -17.69
N ALA A 82 -2.82 -0.30 -17.13
CA ALA A 82 -2.90 0.25 -15.77
C ALA A 82 -3.52 1.64 -15.78
N MET A 83 -4.19 1.96 -14.65
N MET A 83 -4.15 1.99 -14.65
CA MET A 83 -4.68 3.29 -14.32
CA MET A 83 -4.62 3.36 -14.40
C MET A 83 -4.08 3.62 -12.95
C MET A 83 -4.18 3.68 -12.96
N THR A 84 -3.50 4.83 -12.79
CA THR A 84 -2.72 5.14 -11.57
C THR A 84 -2.94 6.56 -11.07
N PHE A 85 -2.71 6.73 -9.74
CA PHE A 85 -2.47 8.04 -9.14
C PHE A 85 -0.96 8.27 -9.07
N ASN A 86 -0.47 9.35 -9.73
CA ASN A 86 0.93 9.76 -9.66
C ASN A 86 1.90 8.81 -10.37
N GLY A 87 1.40 7.92 -11.23
CA GLY A 87 2.24 7.06 -12.04
C GLY A 87 2.65 5.74 -11.38
N SER A 88 2.25 5.49 -10.12
CA SER A 88 2.67 4.30 -9.37
C SER A 88 1.47 3.42 -8.98
N MET A 89 1.77 2.11 -8.81
CA MET A 89 0.90 1.16 -8.12
C MET A 89 1.69 0.65 -6.91
N PRO A 90 1.22 0.85 -5.67
CA PRO A 90 0.07 1.68 -5.29
C PRO A 90 0.34 3.17 -5.53
N GLY A 91 -0.70 4.00 -5.43
CA GLY A 91 -0.51 5.45 -5.27
C GLY A 91 0.32 5.74 -4.03
N PRO A 92 0.93 6.94 -3.94
CA PRO A 92 1.82 7.26 -2.80
C PRO A 92 1.07 7.37 -1.47
N LEU A 93 1.83 7.11 -0.37
CA LEU A 93 1.31 7.27 1.00
C LEU A 93 1.38 8.75 1.44
N MET A 94 0.22 9.28 1.84
CA MET A 94 0.14 10.61 2.50
CA MET A 94 0.13 10.60 2.48
C MET A 94 0.23 10.41 4.01
N VAL A 95 0.98 11.27 4.72
CA VAL A 95 1.08 11.18 6.18
C VAL A 95 0.73 12.53 6.80
N VAL A 96 -0.30 12.53 7.69
CA VAL A 96 -0.75 13.72 8.43
C VAL A 96 -1.01 13.32 9.90
N HIS A 97 -1.49 14.29 10.70
CA HIS A 97 -1.83 14.04 12.11
C HIS A 97 -3.33 14.32 12.37
N GLU A 98 -3.82 13.70 13.45
CA GLU A 98 -5.21 13.86 13.92
C GLU A 98 -5.54 15.35 14.02
N GLY A 99 -6.68 15.77 13.43
CA GLY A 99 -7.11 17.16 13.51
C GLY A 99 -6.55 18.08 12.41
N ASP A 100 -5.56 17.62 11.63
CA ASP A 100 -5.20 18.30 10.39
C ASP A 100 -6.38 18.28 9.41
N TYR A 101 -6.33 19.18 8.45
CA TYR A 101 -7.17 19.13 7.26
C TYR A 101 -6.28 18.77 6.06
N VAL A 102 -6.79 17.92 5.16
CA VAL A 102 -6.04 17.46 4.02
C VAL A 102 -6.68 18.01 2.76
N GLU A 103 -5.96 18.88 1.99
CA GLU A 103 -6.50 19.56 0.82
C GLU A 103 -5.74 19.04 -0.41
N THR A 104 -6.42 18.23 -1.23
CA THR A 104 -5.83 17.55 -2.38
C THR A 104 -6.32 18.18 -3.68
N THR A 105 -5.36 18.56 -4.53
CA THR A 105 -5.62 18.92 -5.94
C THR A 105 -5.47 17.65 -6.78
N LEU A 106 -6.62 17.17 -7.35
CA LEU A 106 -6.64 15.98 -8.20
C LEU A 106 -6.70 16.46 -9.65
N VAL A 107 -5.72 16.00 -10.47
CA VAL A 107 -5.53 16.45 -11.86
C VAL A 107 -5.75 15.25 -12.79
N ASN A 108 -6.59 15.43 -13.84
CA ASN A 108 -6.84 14.42 -14.88
C ASN A 108 -6.38 14.98 -16.24
N PRO A 109 -5.08 14.81 -16.63
CA PRO A 109 -4.61 15.40 -17.88
C PRO A 109 -5.41 15.00 -19.12
N ALA A 110 -5.35 15.90 -20.13
CA ALA A 110 -6.04 15.72 -21.40
C ALA A 110 -5.56 14.49 -22.21
N THR A 111 -4.38 13.96 -21.91
CA THR A 111 -3.86 12.74 -22.55
C THR A 111 -4.55 11.46 -22.02
N ASN A 112 -5.28 11.50 -20.90
CA ASN A 112 -6.08 10.35 -20.42
C ASN A 112 -7.38 10.25 -21.26
N THR A 113 -8.08 9.10 -21.14
CA THR A 113 -9.23 8.75 -21.96
C THR A 113 -10.55 8.68 -21.19
N MET A 114 -10.60 8.77 -19.87
N MET A 114 -10.46 8.52 -19.83
CA MET A 114 -11.91 8.69 -19.30
CA MET A 114 -11.58 8.23 -18.93
C MET A 114 -11.90 9.48 -18.00
C MET A 114 -11.83 9.35 -17.90
N PRO A 115 -13.10 9.56 -17.41
CA PRO A 115 -13.29 10.29 -16.16
C PRO A 115 -12.78 9.49 -14.96
N HIS A 116 -12.35 10.20 -13.91
CA HIS A 116 -11.83 9.63 -12.67
C HIS A 116 -12.27 10.48 -11.48
N ASN A 117 -12.11 9.96 -10.25
CA ASN A 117 -12.39 10.71 -9.01
C ASN A 117 -11.56 10.12 -7.87
N ILE A 118 -11.89 10.49 -6.61
CA ILE A 118 -11.18 9.91 -5.46
C ILE A 118 -12.12 9.78 -4.25
N ASP A 119 -12.02 8.62 -3.56
CA ASP A 119 -12.75 8.24 -2.34
C ASP A 119 -11.69 7.98 -1.24
N PHE A 120 -11.67 8.80 -0.18
CA PHE A 120 -10.80 8.61 0.97
C PHE A 120 -11.57 7.87 2.09
N HIS A 121 -11.13 6.65 2.46
CA HIS A 121 -11.74 5.96 3.60
C HIS A 121 -11.55 6.66 4.94
N SER A 122 -10.59 7.62 5.01
CA SER A 122 -10.32 8.43 6.18
C SER A 122 -11.32 9.58 6.39
N ALA A 123 -12.13 9.89 5.36
CA ALA A 123 -12.95 11.12 5.30
C ALA A 123 -14.44 10.83 5.60
N THR A 124 -15.16 11.89 5.98
CA THR A 124 -16.57 11.78 6.35
C THR A 124 -17.46 12.60 5.39
N GLY A 125 -18.35 11.91 4.65
CA GLY A 125 -19.32 12.53 3.74
C GLY A 125 -19.07 12.28 2.26
N ALA A 126 -20.13 12.48 1.46
CA ALA A 126 -20.07 12.55 -0.01
C ALA A 126 -19.32 11.36 -0.60
N LEU A 127 -19.63 10.13 -0.12
CA LEU A 127 -19.02 8.91 -0.66
C LEU A 127 -17.48 9.02 -0.59
N GLY A 128 -16.96 9.52 0.56
CA GLY A 128 -15.53 9.64 0.81
C GLY A 128 -14.86 10.78 0.05
N GLY A 129 -15.66 11.65 -0.59
CA GLY A 129 -15.15 12.61 -1.56
C GLY A 129 -15.48 12.29 -3.00
N GLY A 130 -15.88 11.04 -3.28
CA GLY A 130 -16.12 10.67 -4.66
C GLY A 130 -17.20 11.49 -5.36
N ALA A 131 -18.23 11.89 -4.59
CA ALA A 131 -19.35 12.65 -5.18
C ALA A 131 -18.98 14.12 -5.42
N LEU A 132 -17.78 14.55 -5.01
CA LEU A 132 -17.33 15.94 -5.18
C LEU A 132 -16.09 16.07 -6.10
N THR A 133 -15.59 14.95 -6.67
CA THR A 133 -14.30 14.96 -7.36
C THR A 133 -14.31 14.32 -8.78
N LEU A 134 -15.48 14.06 -9.39
CA LEU A 134 -15.49 13.52 -10.74
C LEU A 134 -15.01 14.55 -11.77
N ILE A 135 -13.93 14.19 -12.49
CA ILE A 135 -13.27 15.08 -13.43
C ILE A 135 -13.01 14.35 -14.77
N ASN A 136 -13.34 15.05 -15.87
CA ASN A 136 -13.02 14.59 -17.22
C ASN A 136 -11.56 14.87 -17.57
N PRO A 137 -11.01 14.20 -18.61
CA PRO A 137 -9.69 14.59 -19.11
C PRO A 137 -9.64 16.10 -19.45
N GLY A 138 -8.60 16.77 -19.01
CA GLY A 138 -8.46 18.21 -19.15
C GLY A 138 -8.94 19.03 -17.95
N GLU A 139 -9.39 18.38 -16.86
CA GLU A 139 -9.93 19.06 -15.67
C GLU A 139 -9.11 18.72 -14.40
N GLN A 140 -9.23 19.60 -13.41
CA GLN A 140 -8.73 19.38 -12.05
C GLN A 140 -9.80 19.84 -11.04
N VAL A 141 -9.70 19.36 -9.79
CA VAL A 141 -10.64 19.65 -8.71
C VAL A 141 -9.87 19.73 -7.38
N VAL A 142 -10.39 20.49 -6.39
CA VAL A 142 -9.74 20.61 -5.08
C VAL A 142 -10.74 20.21 -3.97
N LEU A 143 -10.37 19.15 -3.21
CA LEU A 143 -11.21 18.59 -2.13
C LEU A 143 -10.47 18.74 -0.81
N ARG A 144 -11.16 19.19 0.26
CA ARG A 144 -10.60 19.20 1.62
C ARG A 144 -11.43 18.32 2.54
N TRP A 145 -10.74 17.52 3.40
CA TRP A 145 -11.44 16.76 4.45
C TRP A 145 -10.65 16.86 5.77
N LYS A 146 -11.39 16.84 6.91
CA LYS A 146 -10.81 16.87 8.25
C LYS A 146 -10.42 15.47 8.71
N ALA A 147 -9.18 15.33 9.23
CA ALA A 147 -8.65 14.02 9.66
C ALA A 147 -9.07 13.68 11.10
N THR A 148 -10.36 13.29 11.25
CA THR A 148 -10.94 13.03 12.57
C THR A 148 -10.72 11.59 13.07
N LYS A 149 -10.28 10.65 12.21
N LYS A 149 -10.21 10.69 12.20
CA LYS A 149 -10.06 9.25 12.62
CA LYS A 149 -10.04 9.25 12.48
C LYS A 149 -8.58 8.91 12.41
C LYS A 149 -8.56 8.83 12.35
N THR A 150 -7.96 8.26 13.40
CA THR A 150 -6.55 7.86 13.35
C THR A 150 -6.38 6.43 12.77
N GLY A 151 -5.22 6.18 12.16
CA GLY A 151 -4.94 4.88 11.53
C GLY A 151 -4.37 5.04 10.13
N VAL A 152 -4.21 3.89 9.45
CA VAL A 152 -3.93 3.82 8.02
C VAL A 152 -5.25 3.51 7.30
N PHE A 153 -5.47 4.11 6.12
CA PHE A 153 -6.74 4.02 5.39
C PHE A 153 -6.47 3.91 3.88
N VAL A 154 -7.30 3.13 3.18
CA VAL A 154 -7.27 3.15 1.70
C VAL A 154 -7.84 4.47 1.14
N TYR A 155 -7.27 4.92 -0.01
CA TYR A 155 -7.98 5.81 -0.94
C TYR A 155 -8.03 5.13 -2.30
N HIS A 156 -9.09 5.38 -3.10
CA HIS A 156 -9.23 4.75 -4.42
C HIS A 156 -10.17 5.53 -5.32
N CYS A 157 -10.04 5.31 -6.64
CA CYS A 157 -10.99 5.86 -7.61
C CYS A 157 -12.33 5.10 -7.49
N ALA A 158 -13.46 5.75 -7.79
CA ALA A 158 -14.80 5.13 -7.69
C ALA A 158 -15.80 5.88 -8.58
N PRO A 159 -15.71 5.82 -9.93
N PRO A 159 -15.68 5.80 -9.92
CA PRO A 159 -16.52 6.74 -10.74
CA PRO A 159 -16.46 6.67 -10.82
C PRO A 159 -18.03 6.51 -10.64
C PRO A 159 -17.77 6.04 -11.32
N GLY A 160 -18.45 5.28 -10.43
CA GLY A 160 -19.84 4.88 -10.40
C GLY A 160 -20.10 3.50 -11.02
N GLY A 161 -20.99 2.73 -10.40
CA GLY A 161 -21.47 1.47 -10.95
C GLY A 161 -20.32 0.48 -11.23
N PRO A 162 -20.39 -0.23 -12.38
CA PRO A 162 -19.36 -1.21 -12.71
CA PRO A 162 -19.36 -1.21 -12.72
C PRO A 162 -17.97 -0.62 -12.93
N MET A 163 -17.88 0.73 -13.13
CA MET A 163 -16.56 1.35 -13.23
C MET A 163 -15.79 1.29 -11.92
N ILE A 164 -16.48 1.23 -10.76
CA ILE A 164 -15.81 1.23 -9.46
C ILE A 164 -14.80 0.06 -9.38
N PRO A 165 -15.22 -1.23 -9.44
CA PRO A 165 -14.21 -2.29 -9.32
C PRO A 165 -13.16 -2.22 -10.42
N TRP A 166 -13.58 -1.89 -11.66
CA TRP A 166 -12.63 -1.90 -12.78
C TRP A 166 -11.48 -0.88 -12.57
N HIS A 167 -11.81 0.37 -12.17
CA HIS A 167 -10.74 1.36 -11.91
C HIS A 167 -9.82 0.92 -10.78
N VAL A 168 -10.39 0.36 -9.70
CA VAL A 168 -9.59 -0.07 -8.56
C VAL A 168 -8.62 -1.19 -8.94
N VAL A 169 -9.09 -2.26 -9.62
CA VAL A 169 -8.23 -3.40 -9.94
C VAL A 169 -7.27 -3.10 -11.12
N SER A 170 -7.50 -1.98 -11.83
CA SER A 170 -6.56 -1.47 -12.82
C SER A 170 -5.38 -0.71 -12.18
N GLY A 171 -5.43 -0.48 -10.85
CA GLY A 171 -4.32 0.12 -10.13
C GLY A 171 -4.64 1.42 -9.39
N MET A 172 -5.88 1.93 -9.44
CA MET A 172 -6.20 3.26 -8.92
C MET A 172 -6.55 3.19 -7.42
N ASN A 173 -5.50 2.95 -6.60
CA ASN A 173 -5.67 2.85 -5.15
C ASN A 173 -4.30 3.12 -4.49
N GLY A 174 -4.36 3.74 -3.28
CA GLY A 174 -3.21 4.01 -2.43
C GLY A 174 -3.65 4.06 -0.97
N ALA A 175 -2.96 4.84 -0.11
CA ALA A 175 -3.31 4.90 1.30
C ALA A 175 -2.89 6.25 1.91
N VAL A 176 -3.48 6.55 3.06
CA VAL A 176 -3.14 7.71 3.89
C VAL A 176 -2.99 7.25 5.35
N MET A 177 -2.01 7.79 6.06
CA MET A 177 -1.78 7.52 7.48
C MET A 177 -2.08 8.80 8.28
N VAL A 178 -2.95 8.67 9.29
CA VAL A 178 -3.32 9.74 10.24
C VAL A 178 -2.77 9.34 11.62
N LEU A 179 -1.67 9.98 12.02
CA LEU A 179 -0.99 9.67 13.28
C LEU A 179 -1.60 10.46 14.44
N PRO A 180 -1.65 9.89 15.66
CA PRO A 180 -1.92 10.71 16.85
C PRO A 180 -0.82 11.78 16.99
N ARG A 181 -1.14 12.97 17.56
CA ARG A 181 -0.14 14.00 17.77
C ARG A 181 0.96 13.62 18.75
N ASP A 182 0.66 12.65 19.63
CA ASP A 182 1.65 12.12 20.55
C ASP A 182 2.40 10.89 20.02
N GLY A 183 2.23 10.57 18.74
CA GLY A 183 2.83 9.37 18.18
C GLY A 183 2.09 8.09 18.57
N LEU A 184 2.67 6.95 18.20
CA LEU A 184 2.06 5.64 18.49
C LEU A 184 2.34 5.18 19.92
N ASN A 185 1.44 4.34 20.48
CA ASN A 185 1.65 3.70 21.79
C ASN A 185 1.22 2.23 21.73
N ASP A 186 1.61 1.47 22.79
CA ASP A 186 1.37 0.02 22.88
C ASP A 186 0.07 -0.32 23.62
N GLY A 187 -0.75 0.66 24.01
CA GLY A 187 -1.97 0.38 24.78
C GLY A 187 -1.72 0.09 26.28
N LYS A 188 -0.45 0.12 26.72
CA LYS A 188 -0.07 -0.22 28.09
C LYS A 188 0.76 0.91 28.73
N GLY A 189 0.69 2.12 28.14
CA GLY A 189 1.32 3.30 28.69
C GLY A 189 2.73 3.59 28.15
N HIS A 190 3.18 2.87 27.09
CA HIS A 190 4.51 3.09 26.55
C HIS A 190 4.46 3.60 25.10
N ALA A 191 5.34 4.54 24.76
CA ALA A 191 5.51 5.01 23.39
C ALA A 191 6.14 3.93 22.53
N LEU A 192 5.62 3.81 21.32
N LEU A 192 5.80 3.96 21.20
CA LEU A 192 6.33 3.08 20.31
CA LEU A 192 6.28 3.02 20.16
C LEU A 192 6.78 4.15 19.32
C LEU A 192 6.82 3.76 18.92
N LYS A 193 8.00 3.97 18.84
N LYS A 193 8.12 4.08 18.93
CA LYS A 193 8.65 4.83 17.85
CA LYS A 193 8.71 4.88 17.86
C LYS A 193 9.27 3.90 16.80
C LYS A 193 9.36 3.96 16.80
N TYR A 194 9.07 4.20 15.51
CA TYR A 194 9.73 3.47 14.45
C TYR A 194 10.94 4.23 13.90
N ASP A 195 11.97 3.48 13.48
CA ASP A 195 13.16 4.05 12.86
C ASP A 195 12.97 4.29 11.37
N LYS A 196 12.10 3.50 10.72
CA LYS A 196 11.71 3.72 9.33
C LYS A 196 10.35 3.08 9.06
N VAL A 197 9.70 3.53 8.00
CA VAL A 197 8.42 3.00 7.55
C VAL A 197 8.48 2.69 6.04
N TYR A 198 7.92 1.53 5.66
CA TYR A 198 7.68 1.16 4.28
C TYR A 198 6.17 0.97 4.02
N TYR A 199 5.75 1.27 2.79
CA TYR A 199 4.38 1.06 2.32
C TYR A 199 4.36 -0.01 1.22
N VAL A 200 3.74 -1.15 1.53
CA VAL A 200 3.54 -2.27 0.60
C VAL A 200 2.07 -2.27 0.14
N GLY A 201 1.85 -1.88 -1.13
CA GLY A 201 0.52 -1.97 -1.73
C GLY A 201 0.41 -3.25 -2.55
N GLU A 202 -0.60 -4.07 -2.23
CA GLU A 202 -0.85 -5.35 -2.92
C GLU A 202 -1.98 -5.15 -3.94
N GLN A 203 -1.78 -5.66 -5.17
CA GLN A 203 -2.74 -5.50 -6.28
C GLN A 203 -3.10 -6.87 -6.85
N ASP A 204 -4.41 -7.22 -6.79
CA ASP A 204 -4.99 -8.30 -7.58
C ASP A 204 -5.23 -7.81 -9.00
N MET A 205 -4.70 -8.55 -10.00
CA MET A 205 -4.80 -8.17 -11.42
C MET A 205 -5.49 -9.29 -12.20
N TYR A 206 -6.28 -8.89 -13.22
CA TYR A 206 -7.12 -9.78 -14.03
C TYR A 206 -6.73 -9.59 -15.49
N VAL A 207 -5.78 -10.40 -15.99
CA VAL A 207 -5.36 -10.33 -17.39
C VAL A 207 -6.03 -11.48 -18.15
N PRO A 208 -6.92 -11.17 -19.13
CA PRO A 208 -7.60 -12.21 -19.89
C PRO A 208 -6.66 -13.08 -20.71
N ARG A 209 -7.13 -14.30 -21.01
CA ARG A 209 -6.48 -15.22 -21.94
C ARG A 209 -7.36 -15.61 -23.11
N ASP A 210 -6.66 -15.96 -24.19
CA ASP A 210 -7.31 -16.49 -25.39
C ASP A 210 -7.54 -17.99 -25.27
N GLU A 211 -8.03 -18.59 -26.36
CA GLU A 211 -8.56 -19.95 -26.39
C GLU A 211 -7.47 -21.00 -26.25
N LYS A 212 -6.22 -20.61 -26.57
CA LYS A 212 -5.04 -21.45 -26.38
C LYS A 212 -4.40 -21.20 -25.02
N GLY A 213 -4.96 -20.26 -24.21
CA GLY A 213 -4.44 -20.07 -22.87
C GLY A 213 -3.40 -18.95 -22.79
N ASN A 214 -3.14 -18.20 -23.89
CA ASN A 214 -2.12 -17.17 -23.80
C ASN A 214 -2.75 -15.83 -23.39
N PHE A 215 -2.00 -15.07 -22.60
CA PHE A 215 -2.45 -13.74 -22.15
C PHE A 215 -2.66 -12.80 -23.34
N LYS A 216 -3.73 -12.01 -23.27
CA LYS A 216 -4.11 -11.04 -24.29
CA LYS A 216 -4.05 -11.04 -24.31
C LYS A 216 -3.43 -9.68 -24.02
N SER A 217 -3.10 -8.99 -25.12
N SER A 217 -3.23 -8.93 -25.10
CA SER A 217 -2.61 -7.61 -25.12
CA SER A 217 -2.73 -7.57 -25.00
C SER A 217 -3.67 -6.66 -25.71
C SER A 217 -3.60 -6.61 -25.80
N TYR A 218 -3.64 -5.37 -25.32
CA TYR A 218 -4.59 -4.35 -25.80
C TYR A 218 -3.88 -3.01 -26.00
N ASP A 219 -4.49 -2.15 -26.84
CA ASP A 219 -3.90 -0.85 -27.17
C ASP A 219 -4.47 0.32 -26.37
N SER A 220 -5.46 0.07 -25.50
CA SER A 220 -6.04 1.11 -24.67
C SER A 220 -6.80 0.43 -23.50
N PRO A 221 -7.06 1.15 -22.38
CA PRO A 221 -7.93 0.57 -21.35
C PRO A 221 -9.34 0.26 -21.87
N GLY A 222 -9.91 1.16 -22.69
CA GLY A 222 -11.24 0.90 -23.22
C GLY A 222 -11.35 -0.40 -24.00
N GLU A 223 -10.32 -0.72 -24.81
CA GLU A 223 -10.31 -1.96 -25.56
C GLU A 223 -10.22 -3.18 -24.64
N ALA A 224 -9.53 -3.05 -23.49
CA ALA A 224 -9.36 -4.17 -22.56
C ALA A 224 -10.63 -4.45 -21.73
N PHE A 225 -11.54 -3.47 -21.63
CA PHE A 225 -12.62 -3.51 -20.63
C PHE A 225 -13.50 -4.77 -20.71
N THR A 226 -14.11 -5.07 -21.86
CA THR A 226 -15.10 -6.15 -21.94
C THR A 226 -14.53 -7.49 -21.44
N ASP A 227 -13.36 -7.87 -21.98
CA ASP A 227 -12.74 -9.14 -21.62
C ASP A 227 -12.30 -9.15 -20.14
N THR A 228 -11.82 -7.99 -19.65
CA THR A 228 -11.35 -7.87 -18.27
C THR A 228 -12.54 -8.03 -17.30
N GLU A 229 -13.67 -7.35 -17.57
CA GLU A 229 -14.84 -7.46 -16.70
C GLU A 229 -15.36 -8.91 -16.65
N GLU A 230 -15.39 -9.58 -17.79
CA GLU A 230 -15.84 -10.98 -17.81
C GLU A 230 -15.00 -11.84 -16.86
N MET A 231 -13.67 -11.63 -16.89
CA MET A 231 -12.77 -12.35 -16.00
C MET A 231 -12.93 -11.95 -14.52
N MET A 232 -13.06 -10.63 -14.25
CA MET A 232 -13.24 -10.13 -12.88
C MET A 232 -14.39 -10.84 -12.17
N LYS A 233 -15.54 -11.00 -12.88
CA LYS A 233 -16.76 -11.57 -12.31
CA LYS A 233 -16.73 -11.55 -12.25
C LYS A 233 -16.58 -13.00 -11.82
N LYS A 234 -15.55 -13.72 -12.33
CA LYS A 234 -15.21 -15.09 -11.94
C LYS A 234 -14.29 -15.14 -10.69
N LEU A 235 -13.80 -13.97 -10.27
N LEU A 235 -13.81 -13.99 -10.15
CA LEU A 235 -13.28 -13.71 -8.92
CA LEU A 235 -13.20 -13.87 -8.80
C LEU A 235 -11.82 -14.18 -8.73
C LEU A 235 -11.84 -14.59 -8.63
N ILE A 236 -11.15 -14.84 -9.72
CA ILE A 236 -9.79 -15.43 -9.60
C ILE A 236 -8.78 -14.54 -10.35
N PRO A 237 -7.83 -13.89 -9.63
CA PRO A 237 -6.82 -13.06 -10.31
C PRO A 237 -5.80 -13.91 -11.05
N SER A 238 -5.22 -13.38 -12.16
CA SER A 238 -4.08 -14.02 -12.83
C SER A 238 -2.74 -13.71 -12.14
N HIS A 239 -2.65 -12.57 -11.46
CA HIS A 239 -1.44 -12.06 -10.81
C HIS A 239 -1.85 -11.41 -9.47
N VAL A 240 -0.96 -11.53 -8.48
CA VAL A 240 -1.09 -10.83 -7.19
C VAL A 240 0.31 -10.27 -6.90
N VAL A 241 0.47 -8.92 -6.95
CA VAL A 241 1.80 -8.32 -6.92
C VAL A 241 1.90 -7.23 -5.84
N PHE A 242 3.16 -6.96 -5.41
CA PHE A 242 3.49 -5.82 -4.55
C PHE A 242 4.20 -4.74 -5.38
N ASN A 243 3.81 -3.46 -5.15
CA ASN A 243 4.47 -2.35 -5.85
C ASN A 243 4.41 -2.51 -7.38
N GLY A 244 3.31 -3.10 -7.92
CA GLY A 244 2.99 -3.02 -9.35
C GLY A 244 3.52 -4.11 -10.27
N LYS A 245 4.40 -5.01 -9.84
CA LYS A 245 4.96 -6.02 -10.72
C LYS A 245 5.61 -7.15 -9.93
N VAL A 246 5.69 -8.34 -10.53
CA VAL A 246 6.42 -9.45 -9.97
C VAL A 246 7.86 -9.01 -9.70
N GLY A 247 8.38 -9.27 -8.48
CA GLY A 247 9.78 -8.98 -8.17
C GLY A 247 10.10 -7.51 -7.90
N ALA A 248 9.09 -6.60 -7.84
CA ALA A 248 9.34 -5.17 -7.70
C ALA A 248 10.13 -4.83 -6.42
N LEU A 249 9.91 -5.58 -5.34
CA LEU A 249 10.57 -5.32 -4.05
C LEU A 249 11.61 -6.42 -3.72
N THR A 250 12.39 -6.81 -4.74
CA THR A 250 13.45 -7.81 -4.62
C THR A 250 14.71 -7.31 -5.36
N GLY A 251 15.84 -8.02 -5.16
CA GLY A 251 17.06 -7.73 -5.89
C GLY A 251 17.60 -6.34 -5.57
N LYS A 252 17.87 -5.53 -6.59
CA LYS A 252 18.33 -4.17 -6.38
C LYS A 252 17.33 -3.36 -5.56
N ASN A 253 16.04 -3.75 -5.62
CA ASN A 253 14.95 -3.03 -4.97
C ASN A 253 14.44 -3.72 -3.70
N ALA A 254 15.25 -4.64 -3.10
CA ALA A 254 14.89 -5.20 -1.80
C ALA A 254 14.72 -4.07 -0.77
N LEU A 255 13.84 -4.29 0.20
CA LEU A 255 13.73 -3.47 1.41
C LEU A 255 14.98 -3.69 2.28
N THR A 256 15.40 -2.69 3.07
CA THR A 256 16.61 -2.78 3.89
C THR A 256 16.30 -2.48 5.37
N ALA A 257 17.14 -3.04 6.24
CA ALA A 257 17.13 -2.70 7.67
C ALA A 257 18.46 -3.13 8.32
N ASN A 258 18.67 -2.65 9.54
CA ASN A 258 19.75 -3.11 10.42
C ASN A 258 19.19 -3.87 11.64
N VAL A 259 19.96 -4.86 12.15
CA VAL A 259 19.65 -5.45 13.44
C VAL A 259 19.53 -4.32 14.46
N GLY A 260 18.47 -4.36 15.27
CA GLY A 260 18.18 -3.34 16.27
C GLY A 260 17.20 -2.26 15.83
N GLU A 261 16.92 -2.15 14.53
CA GLU A 261 15.97 -1.16 14.05
CA GLU A 261 15.99 -1.19 13.95
C GLU A 261 14.53 -1.65 14.12
N ASN A 262 13.64 -0.73 14.56
CA ASN A 262 12.18 -0.92 14.57
CA ASN A 262 12.19 -0.95 14.57
C ASN A 262 11.60 -0.42 13.24
N VAL A 263 11.02 -1.33 12.45
CA VAL A 263 10.45 -1.03 11.13
C VAL A 263 8.92 -1.16 11.15
N LEU A 264 8.25 -0.09 10.70
CA LEU A 264 6.79 -0.14 10.48
C LEU A 264 6.51 -0.51 9.03
N ILE A 265 5.64 -1.54 8.82
CA ILE A 265 5.25 -1.99 7.49
C ILE A 265 3.73 -1.77 7.34
N VAL A 266 3.36 -0.77 6.52
CA VAL A 266 1.95 -0.48 6.18
C VAL A 266 1.60 -1.34 4.98
N HIS A 267 0.47 -2.08 5.04
CA HIS A 267 0.04 -2.98 3.96
C HIS A 267 -1.40 -2.60 3.56
N SER A 268 -1.67 -2.39 2.26
CA SER A 268 -3.06 -2.14 1.83
C SER A 268 -3.49 -3.10 0.74
N GLN A 269 -4.81 -3.32 0.67
CA GLN A 269 -5.44 -4.15 -0.38
C GLN A 269 -6.85 -3.56 -0.55
N ALA A 270 -7.12 -2.85 -1.67
CA ALA A 270 -8.39 -2.15 -1.87
C ALA A 270 -9.59 -3.02 -2.28
N ASN A 271 -9.35 -4.28 -2.68
CA ASN A 271 -10.41 -5.12 -3.29
C ASN A 271 -10.51 -6.55 -2.75
N ARG A 272 -9.44 -7.08 -2.13
CA ARG A 272 -9.35 -8.53 -1.89
C ARG A 272 -8.50 -8.77 -0.65
N ASP A 273 -8.85 -9.80 0.14
CA ASP A 273 -8.15 -10.12 1.38
C ASP A 273 -6.68 -10.52 1.13
N SER A 274 -5.84 -10.34 2.16
CA SER A 274 -4.43 -10.78 2.18
C SER A 274 -4.06 -11.24 3.60
N ARG A 275 -2.99 -12.06 3.71
CA ARG A 275 -2.52 -12.53 5.03
C ARG A 275 -0.99 -12.36 5.16
N PRO A 276 -0.52 -11.15 5.49
CA PRO A 276 0.92 -10.92 5.57
C PRO A 276 1.67 -11.72 6.64
N HIS A 277 2.93 -12.04 6.29
CA HIS A 277 3.85 -12.80 7.14
C HIS A 277 5.28 -12.43 6.76
N LEU A 278 6.14 -12.27 7.77
CA LEU A 278 7.58 -12.01 7.61
C LEU A 278 8.34 -13.32 7.91
N ILE A 279 8.89 -14.00 6.90
CA ILE A 279 9.55 -15.29 7.04
C ILE A 279 10.87 -15.12 7.78
N GLY A 280 10.98 -15.79 8.95
CA GLY A 280 12.09 -15.64 9.86
C GLY A 280 11.91 -14.55 10.94
N GLY A 281 10.79 -13.81 10.88
CA GLY A 281 10.44 -12.78 11.85
C GLY A 281 9.02 -12.97 12.40
N HIS A 282 8.48 -11.87 12.96
CA HIS A 282 7.17 -11.80 13.60
C HIS A 282 6.60 -10.40 13.40
N GLY A 283 5.31 -10.23 13.76
CA GLY A 283 4.74 -8.91 14.01
C GLY A 283 4.79 -8.63 15.50
N ASP A 284 5.77 -7.79 15.96
CA ASP A 284 5.88 -7.49 17.38
C ASP A 284 4.63 -6.76 17.89
N TYR A 285 4.17 -5.76 17.14
CA TYR A 285 2.98 -4.96 17.44
C TYR A 285 2.19 -4.86 16.14
N VAL A 286 0.92 -5.31 16.12
CA VAL A 286 0.15 -5.38 14.87
C VAL A 286 -1.25 -4.76 15.08
N TRP A 287 -1.61 -3.83 14.18
CA TRP A 287 -2.96 -3.27 14.04
C TRP A 287 -3.56 -3.83 12.75
N GLU A 288 -4.09 -5.07 12.76
CA GLU A 288 -4.48 -5.71 11.49
C GLU A 288 -5.67 -5.00 10.83
N THR A 289 -6.64 -4.47 11.65
CA THR A 289 -7.72 -3.62 11.14
C THR A 289 -7.24 -2.18 10.89
N GLY A 290 -6.03 -1.83 11.34
CA GLY A 290 -5.33 -0.62 10.92
C GLY A 290 -5.65 0.70 11.62
N LYS A 291 -6.24 0.68 12.83
CA LYS A 291 -6.80 1.92 13.41
C LYS A 291 -6.25 2.16 14.82
N PHE A 292 -5.60 3.30 15.04
CA PHE A 292 -4.75 3.51 16.23
C PHE A 292 -5.52 3.82 17.52
N GLY A 293 -6.85 3.99 17.43
CA GLY A 293 -7.67 4.03 18.64
C GLY A 293 -7.79 2.66 19.32
N ASN A 294 -7.35 1.57 18.65
CA ASN A 294 -7.31 0.20 19.19
C ASN A 294 -5.89 -0.14 19.58
N ALA A 295 -5.70 -0.79 20.72
CA ALA A 295 -4.38 -1.31 21.08
C ALA A 295 -3.92 -2.36 20.07
N PRO A 296 -2.61 -2.44 19.82
CA PRO A 296 -2.10 -3.49 18.94
C PRO A 296 -2.15 -4.87 19.58
N GLU A 297 -2.22 -5.95 18.78
CA GLU A 297 -1.90 -7.31 19.22
C GLU A 297 -0.38 -7.50 19.18
N VAL A 298 0.11 -8.50 19.94
CA VAL A 298 1.54 -8.73 20.08
C VAL A 298 1.95 -10.13 19.64
N GLY A 299 3.18 -10.23 19.09
CA GLY A 299 3.86 -11.49 18.84
C GLY A 299 3.20 -12.40 17.80
N LEU A 300 2.69 -11.80 16.70
CA LEU A 300 1.97 -12.57 15.69
C LEU A 300 2.90 -13.28 14.70
N GLU A 301 2.44 -14.42 14.16
CA GLU A 301 3.11 -15.08 13.03
C GLU A 301 2.65 -14.53 11.67
N THR A 302 1.34 -14.39 11.52
CA THR A 302 0.63 -14.02 10.30
C THR A 302 -0.58 -13.16 10.72
N TRP A 303 -0.86 -12.10 9.96
CA TRP A 303 -1.99 -11.22 10.24
C TRP A 303 -2.90 -11.15 9.01
N PHE A 304 -3.99 -10.35 9.09
CA PHE A 304 -5.06 -10.41 8.07
C PHE A 304 -5.47 -8.97 7.71
N ILE A 305 -5.31 -8.67 6.39
CA ILE A 305 -5.74 -7.39 5.79
C ILE A 305 -7.06 -7.66 5.05
N ARG A 306 -8.18 -7.11 5.54
CA ARG A 306 -9.45 -7.22 4.86
C ARG A 306 -9.43 -6.47 3.54
N GLY A 307 -9.95 -7.07 2.46
CA GLY A 307 -10.09 -6.28 1.22
C GLY A 307 -10.91 -5.00 1.51
N GLY A 308 -10.41 -3.87 0.95
CA GLY A 308 -10.95 -2.57 1.29
C GLY A 308 -10.33 -1.90 2.51
N SER A 309 -9.11 -2.26 2.92
CA SER A 309 -8.49 -1.69 4.11
C SER A 309 -6.96 -1.65 4.02
N ALA A 310 -6.37 -0.87 4.93
CA ALA A 310 -4.95 -0.89 5.26
C ALA A 310 -4.80 -1.33 6.72
N GLY A 311 -3.70 -2.07 6.98
CA GLY A 311 -3.23 -2.40 8.31
C GLY A 311 -1.75 -2.11 8.48
N ALA A 312 -1.22 -2.32 9.69
CA ALA A 312 0.19 -1.97 9.96
C ALA A 312 0.79 -2.92 11.01
N ALA A 313 2.07 -3.24 10.83
CA ALA A 313 2.83 -4.09 11.75
C ALA A 313 4.20 -3.47 12.00
N MET A 314 4.68 -3.54 13.25
N MET A 314 4.65 -3.50 13.27
CA MET A 314 6.03 -3.09 13.59
CA MET A 314 6.02 -3.14 13.66
C MET A 314 6.84 -4.30 14.07
C MET A 314 6.82 -4.39 14.01
N TYR A 315 8.11 -4.38 13.62
CA TYR A 315 9.05 -5.44 14.02
C TYR A 315 10.44 -4.84 14.30
N LYS A 316 11.07 -5.27 15.41
CA LYS A 316 12.47 -4.95 15.69
C LYS A 316 13.33 -6.14 15.23
N PHE A 317 14.16 -5.91 14.19
CA PHE A 317 15.01 -6.97 13.65
C PHE A 317 16.04 -7.41 14.69
N MET A 318 16.22 -8.75 14.79
CA MET A 318 17.15 -9.38 15.73
C MET A 318 18.26 -10.20 15.06
N GLN A 319 18.13 -10.50 13.76
CA GLN A 319 19.05 -11.35 13.02
C GLN A 319 19.31 -10.70 11.64
N PRO A 320 20.56 -10.77 11.14
CA PRO A 320 20.89 -10.30 9.78
C PRO A 320 20.44 -11.35 8.74
N GLY A 321 20.55 -10.96 7.47
CA GLY A 321 20.33 -11.82 6.33
C GLY A 321 19.05 -11.51 5.56
N ILE A 322 18.66 -12.46 4.70
CA ILE A 322 17.46 -12.30 3.88
C ILE A 322 16.21 -12.74 4.64
N TYR A 323 15.15 -11.95 4.49
CA TYR A 323 13.80 -12.30 4.91
C TYR A 323 12.89 -12.19 3.67
N ALA A 324 11.86 -13.02 3.58
CA ALA A 324 10.79 -12.83 2.60
C ALA A 324 9.58 -12.28 3.33
N TYR A 325 8.93 -11.28 2.78
CA TYR A 325 7.66 -10.70 3.24
C TYR A 325 6.61 -11.09 2.19
N VAL A 326 5.62 -11.90 2.61
CA VAL A 326 4.69 -12.57 1.68
C VAL A 326 3.25 -12.41 2.15
N THR A 327 2.28 -12.64 1.23
CA THR A 327 0.96 -13.18 1.67
C THR A 327 1.13 -14.68 1.86
N HIS A 328 0.56 -15.22 2.97
CA HIS A 328 0.75 -16.65 3.29
C HIS A 328 -0.33 -17.56 2.72
N ASN A 329 -0.97 -17.16 1.58
CA ASN A 329 -1.34 -18.16 0.56
C ASN A 329 -0.06 -18.30 -0.28
N LEU A 330 0.70 -19.39 -0.03
CA LEU A 330 2.02 -19.53 -0.65
C LEU A 330 1.96 -19.75 -2.16
N ILE A 331 0.81 -20.19 -2.69
CA ILE A 331 0.62 -20.26 -4.14
C ILE A 331 0.66 -18.83 -4.71
N GLU A 332 -0.10 -17.91 -4.07
CA GLU A 332 -0.10 -16.49 -4.49
C GLU A 332 1.33 -15.93 -4.34
N ALA A 333 1.99 -16.20 -3.21
CA ALA A 333 3.31 -15.63 -2.92
C ALA A 333 4.37 -16.06 -3.94
N ALA A 334 4.51 -17.37 -4.17
CA ALA A 334 5.62 -17.92 -4.97
C ALA A 334 5.29 -18.02 -6.46
N ASP A 335 4.01 -18.22 -6.81
CA ASP A 335 3.59 -18.53 -8.17
C ASP A 335 2.81 -17.39 -8.86
N LEU A 336 2.17 -16.47 -8.13
CA LEU A 336 1.38 -15.39 -8.75
C LEU A 336 2.01 -13.99 -8.58
N GLY A 337 3.09 -13.86 -7.78
CA GLY A 337 3.85 -12.61 -7.72
C GLY A 337 4.03 -11.95 -6.34
N ALA A 338 3.41 -12.47 -5.26
CA ALA A 338 3.26 -11.69 -4.02
C ALA A 338 4.37 -12.01 -2.98
N THR A 339 5.63 -11.68 -3.35
CA THR A 339 6.82 -11.80 -2.49
C THR A 339 7.66 -10.54 -2.60
N ALA A 340 8.04 -9.97 -1.44
CA ALA A 340 9.06 -8.94 -1.26
C ALA A 340 10.23 -9.53 -0.47
N HIS A 341 11.41 -8.93 -0.53
CA HIS A 341 12.57 -9.30 0.29
C HIS A 341 13.03 -8.14 1.17
N PHE A 342 13.49 -8.47 2.40
CA PHE A 342 14.35 -7.58 3.19
C PHE A 342 15.78 -8.14 3.18
N LYS A 343 16.78 -7.25 3.02
CA LYS A 343 18.17 -7.59 3.26
CA LYS A 343 18.18 -7.57 3.24
C LYS A 343 18.65 -6.82 4.50
N VAL A 344 18.94 -7.56 5.59
CA VAL A 344 19.22 -6.96 6.89
C VAL A 344 20.71 -7.10 7.23
N GLU A 345 21.32 -6.00 7.69
CA GLU A 345 22.74 -5.94 8.05
C GLU A 345 22.92 -6.15 9.56
N GLY A 346 24.02 -6.80 9.97
CA GLY A 346 24.40 -6.93 11.37
C GLY A 346 25.02 -8.28 11.67
N LYS A 347 25.14 -8.57 12.98
CA LYS A 347 25.80 -9.76 13.48
C LYS A 347 24.81 -10.89 13.82
N TRP A 348 25.15 -12.12 13.40
CA TRP A 348 24.32 -13.30 13.71
C TRP A 348 24.29 -13.58 15.22
N ASN A 349 23.10 -13.91 15.73
CA ASN A 349 22.83 -14.25 17.13
C ASN A 349 22.65 -15.77 17.27
N ASP A 350 23.72 -16.48 17.72
CA ASP A 350 23.69 -17.93 17.84
CA ASP A 350 23.71 -17.92 17.83
C ASP A 350 22.90 -18.41 19.05
N ASP A 351 22.53 -17.52 19.98
CA ASP A 351 21.63 -17.90 21.08
C ASP A 351 20.20 -18.09 20.55
N LEU A 352 19.72 -17.19 19.68
CA LEU A 352 18.37 -17.29 19.14
C LEU A 352 18.22 -18.49 18.19
N MET A 353 19.24 -18.80 17.39
CA MET A 353 19.16 -19.89 16.41
C MET A 353 20.56 -20.37 16.08
N THR A 354 20.77 -21.67 15.91
N THR A 354 20.78 -21.72 16.07
CA THR A 354 22.07 -22.10 15.40
CA THR A 354 22.07 -22.35 15.75
C THR A 354 21.93 -23.49 14.82
C THR A 354 21.91 -23.60 14.86
N GLN A 355 22.78 -23.71 13.82
CA GLN A 355 22.91 -24.99 13.15
C GLN A 355 23.88 -25.86 13.95
N VAL A 356 23.31 -26.74 14.80
CA VAL A 356 24.10 -27.57 15.72
C VAL A 356 24.98 -28.56 14.96
N LYS A 357 24.42 -29.20 13.93
CA LYS A 357 25.21 -30.06 13.06
CA LYS A 357 25.17 -30.11 13.07
C LYS A 357 24.74 -29.86 11.61
N ALA A 358 25.70 -29.55 10.73
CA ALA A 358 25.49 -29.36 9.30
C ALA A 358 25.01 -30.66 8.66
N PRO A 359 24.37 -30.62 7.49
CA PRO A 359 23.96 -31.87 6.79
C PRO A 359 25.06 -32.92 6.78
N ALA A 360 24.68 -34.17 7.09
CA ALA A 360 25.60 -35.30 7.17
C ALA A 360 24.87 -36.58 6.83
N GLU A 361 25.62 -37.65 6.50
CA GLU A 361 25.01 -38.93 6.21
C GLU A 361 24.27 -39.43 7.46
N ILE A 362 23.15 -40.14 7.24
CA ILE A 362 22.38 -40.72 8.31
C ILE A 362 23.16 -41.91 8.90
N PRO A 363 23.45 -41.94 10.23
CA PRO A 363 24.22 -43.07 10.79
C PRO A 363 23.50 -44.41 10.70
#